data_3H08
#
_entry.id   3H08
#
_cell.length_a   33.457
_cell.length_b   33.388
_cell.length_c   66.072
_cell.angle_alpha   100.38
_cell.angle_beta   99.43
_cell.angle_gamma   90.82
#
_symmetry.space_group_name_H-M   'P 1'
#
loop_
_entity.id
_entity.type
_entity.pdbx_description
1 polymer 'Rnh (Ribonuclease H)'
2 non-polymer 'MAGNESIUM ION'
3 water water
#
_entity_poly.entity_id   1
_entity_poly.type   'polypeptide(L)'
_entity_poly.pdbx_seq_one_letter_code
;MEKTITIYTDGAASGNPGKGGWGALLMYGSSRKEISGYDPATTNNRMELMAAIKGLEALKEPARVQLYSDSAYLVNAMNE
GWLKRWVKNGWKTAAKKPVENIDLWQEILKLTTLHRVTFHKVKGHSDNPYNSRADELARLAIKENS
;
_entity_poly.pdbx_strand_id   A,B
#
# COMPACT_ATOMS: atom_id res chain seq x y z
N GLU A 2 18.51 -4.99 -27.17
CA GLU A 2 19.96 -5.24 -26.93
C GLU A 2 20.76 -3.94 -26.63
N LYS A 3 20.14 -2.75 -26.76
CA LYS A 3 20.87 -1.47 -26.64
C LYS A 3 21.07 -1.12 -25.17
N THR A 4 22.20 -0.52 -24.83
CA THR A 4 22.32 0.14 -23.51
C THR A 4 22.09 1.63 -23.69
N ILE A 5 21.04 2.10 -23.03
N ILE A 5 21.06 2.10 -23.03
CA ILE A 5 20.54 3.47 -23.13
CA ILE A 5 20.65 3.46 -23.14
C ILE A 5 20.73 4.16 -21.79
C ILE A 5 20.93 4.08 -21.80
N THR A 6 21.31 5.35 -21.81
CA THR A 6 21.53 6.09 -20.57
C THR A 6 20.43 7.16 -20.48
N ILE A 7 19.77 7.25 -19.31
CA ILE A 7 18.66 8.15 -19.11
C ILE A 7 18.95 9.01 -17.90
N TYR A 8 18.74 10.30 -18.08
CA TYR A 8 18.94 11.32 -17.04
C TYR A 8 17.59 11.91 -16.72
N THR A 9 17.18 11.84 -15.47
CA THR A 9 15.83 12.23 -15.08
C THR A 9 15.87 13.30 -13.98
N ASP A 10 14.86 14.18 -13.98
CA ASP A 10 14.72 15.21 -12.94
C ASP A 10 13.27 15.59 -12.79
N GLY A 11 12.89 15.93 -11.56
CA GLY A 11 11.59 16.49 -11.33
C GLY A 11 11.70 17.67 -10.42
N ALA A 12 10.73 18.56 -10.52
CA ALA A 12 10.69 19.82 -9.75
C ALA A 12 9.24 20.12 -9.38
N ALA A 13 9.02 20.63 -8.19
CA ALA A 13 7.72 21.18 -7.83
C ALA A 13 7.88 22.27 -6.85
N SER A 14 6.93 23.18 -6.95
CA SER A 14 6.88 24.34 -6.12
C SER A 14 5.86 23.96 -5.08
N GLY A 15 6.34 23.30 -4.05
CA GLY A 15 5.59 23.20 -2.83
C GLY A 15 5.04 21.82 -2.68
N ASN A 16 4.23 21.66 -1.65
CA ASN A 16 3.82 20.36 -1.17
C ASN A 16 2.36 20.37 -0.71
N PRO A 17 1.42 20.34 -1.68
CA PRO A 17 1.66 20.26 -3.12
C PRO A 17 1.71 21.61 -3.86
N GLY A 18 2.14 21.53 -5.11
CA GLY A 18 2.20 22.67 -6.00
C GLY A 18 2.40 22.26 -7.44
N LYS A 19 2.59 23.25 -8.31
CA LYS A 19 2.80 23.00 -9.72
C LYS A 19 4.13 22.30 -9.90
N GLY A 20 4.17 21.30 -10.76
CA GLY A 20 5.38 20.55 -10.96
C GLY A 20 5.66 20.19 -12.39
N GLY A 21 6.89 19.75 -12.61
CA GLY A 21 7.29 19.27 -13.91
C GLY A 21 8.31 18.17 -13.79
N TRP A 22 8.49 17.47 -14.89
CA TRP A 22 9.48 16.43 -15.00
C TRP A 22 10.15 16.52 -16.37
N GLY A 23 11.36 15.97 -16.43
CA GLY A 23 12.10 15.95 -17.66
C GLY A 23 13.00 14.73 -17.71
N ALA A 24 13.27 14.26 -18.90
CA ALA A 24 14.20 13.15 -19.08
C ALA A 24 14.95 13.35 -20.41
N LEU A 25 16.21 12.97 -20.39
CA LEU A 25 17.08 12.98 -21.54
C LEU A 25 17.57 11.55 -21.70
N LEU A 26 17.26 10.99 -22.87
CA LEU A 26 17.66 9.64 -23.24
C LEU A 26 18.80 9.72 -24.21
N MET A 27 19.85 8.95 -23.97
CA MET A 27 21.06 9.00 -24.76
C MET A 27 21.49 7.62 -25.23
N TYR A 28 21.82 7.52 -26.52
CA TYR A 28 22.41 6.32 -27.09
C TYR A 28 23.48 6.77 -28.10
N GLY A 29 24.75 6.69 -27.70
CA GLY A 29 25.84 7.30 -28.44
C GLY A 29 25.59 8.77 -28.69
N SER A 30 25.66 9.15 -29.96
CA SER A 30 25.41 10.55 -30.34
C SER A 30 23.91 10.89 -30.47
N SER A 31 23.03 9.88 -30.39
N SER A 31 23.04 9.88 -30.37
CA SER A 31 21.60 10.15 -30.43
CA SER A 31 21.61 10.10 -30.42
C SER A 31 21.07 10.58 -29.07
C SER A 31 21.05 10.56 -29.07
N ARG A 32 20.15 11.53 -29.11
CA ARG A 32 19.53 12.07 -27.91
C ARG A 32 18.02 12.22 -28.13
N LYS A 33 17.24 12.05 -27.07
CA LYS A 33 15.80 12.29 -27.08
C LYS A 33 15.47 13.01 -25.76
N GLU A 34 14.70 14.09 -25.86
CA GLU A 34 14.23 14.84 -24.72
C GLU A 34 12.72 14.71 -24.60
N ILE A 35 12.27 14.54 -23.36
CA ILE A 35 10.83 14.57 -23.05
C ILE A 35 10.63 15.37 -21.79
N SER A 36 9.41 15.87 -21.60
CA SER A 36 9.07 16.58 -20.39
C SER A 36 7.57 16.73 -20.26
N GLY A 37 7.14 17.10 -19.06
CA GLY A 37 5.74 17.36 -18.84
C GLY A 37 5.47 18.09 -17.54
N TYR A 38 4.19 18.38 -17.34
CA TYR A 38 3.70 19.25 -16.30
C TYR A 38 2.61 18.54 -15.45
N ASP A 39 2.52 18.91 -14.18
CA ASP A 39 1.42 18.43 -13.31
C ASP A 39 0.96 19.60 -12.43
N PRO A 40 -0.34 19.93 -12.45
CA PRO A 40 -0.77 21.13 -11.77
C PRO A 40 -0.74 21.10 -10.25
N ALA A 41 -0.70 19.91 -9.66
CA ALA A 41 -0.71 19.81 -8.20
C ALA A 41 -0.06 18.52 -7.78
N THR A 42 1.16 18.64 -7.30
CA THR A 42 2.04 17.48 -7.10
C THR A 42 3.13 17.81 -6.08
N THR A 43 3.97 16.82 -5.83
CA THR A 43 5.08 16.93 -4.92
C THR A 43 6.39 16.66 -5.64
N ASN A 44 7.51 17.07 -5.03
CA ASN A 44 8.81 16.77 -5.59
C ASN A 44 9.03 15.26 -5.78
N ASN A 45 8.69 14.47 -4.78
CA ASN A 45 8.84 13.03 -4.89
C ASN A 45 8.07 12.45 -6.06
N ARG A 46 6.83 12.88 -6.25
CA ARG A 46 6.06 12.37 -7.38
C ARG A 46 6.67 12.74 -8.71
N MET A 47 7.18 13.96 -8.82
CA MET A 47 7.78 14.38 -10.10
C MET A 47 9.13 13.64 -10.37
N GLU A 48 9.87 13.35 -9.31
CA GLU A 48 11.08 12.54 -9.39
C GLU A 48 10.78 11.15 -9.93
N LEU A 49 9.71 10.53 -9.41
CA LEU A 49 9.33 9.19 -9.91
C LEU A 49 8.80 9.30 -11.33
N MET A 50 7.96 10.29 -11.57
CA MET A 50 7.36 10.44 -12.90
C MET A 50 8.41 10.61 -13.99
N ALA A 51 9.46 11.37 -13.69
CA ALA A 51 10.53 11.53 -14.69
C ALA A 51 11.13 10.18 -15.11
N ALA A 52 11.38 9.32 -14.12
CA ALA A 52 11.91 7.98 -14.40
C ALA A 52 10.89 7.14 -15.17
N ILE A 53 9.62 7.16 -14.75
CA ILE A 53 8.57 6.43 -15.46
C ILE A 53 8.47 6.83 -16.92
N LYS A 54 8.41 8.12 -17.15
CA LYS A 54 8.24 8.65 -18.49
C LYS A 54 9.49 8.35 -19.33
N GLY A 55 10.68 8.50 -18.74
CA GLY A 55 11.90 8.16 -19.41
C GLY A 55 11.89 6.72 -19.88
N LEU A 56 11.55 5.81 -18.98
CA LEU A 56 11.50 4.39 -19.32
C LEU A 56 10.40 4.09 -20.34
N GLU A 57 9.25 4.75 -20.22
CA GLU A 57 8.16 4.56 -21.18
C GLU A 57 8.54 5.02 -22.59
N ALA A 58 9.53 5.90 -22.70
CA ALA A 58 9.97 6.44 -24.00
C ALA A 58 10.84 5.48 -24.78
N LEU A 59 11.28 4.42 -24.14
CA LEU A 59 12.04 3.40 -24.84
C LEU A 59 11.10 2.56 -25.73
N LYS A 60 11.50 2.35 -26.98
CA LYS A 60 10.65 1.68 -27.94
C LYS A 60 10.74 0.15 -27.85
N GLU A 61 11.88 -0.34 -27.36
CA GLU A 61 12.11 -1.77 -27.22
C GLU A 61 12.76 -2.05 -25.87
N PRO A 62 12.68 -3.29 -25.39
CA PRO A 62 13.40 -3.65 -24.14
C PRO A 62 14.87 -3.27 -24.24
N ALA A 63 15.39 -2.68 -23.17
CA ALA A 63 16.74 -2.18 -23.15
C ALA A 63 17.45 -2.46 -21.83
N ARG A 64 18.78 -2.34 -21.86
CA ARG A 64 19.59 -2.23 -20.65
C ARG A 64 19.70 -0.73 -20.41
N VAL A 65 19.47 -0.27 -19.19
CA VAL A 65 19.38 1.14 -18.91
C VAL A 65 20.27 1.51 -17.75
N GLN A 66 21.02 2.58 -17.93
CA GLN A 66 21.72 3.23 -16.81
C GLN A 66 20.97 4.54 -16.57
N LEU A 67 20.34 4.66 -15.41
CA LEU A 67 19.48 5.79 -15.08
C LEU A 67 20.07 6.61 -13.98
N TYR A 68 20.31 7.88 -14.29
CA TYR A 68 20.92 8.87 -13.37
C TYR A 68 19.86 9.83 -12.87
N SER A 69 19.66 9.86 -11.56
CA SER A 69 18.68 10.75 -10.91
C SER A 69 19.25 11.45 -9.67
N ASP A 70 18.82 12.69 -9.36
CA ASP A 70 19.18 13.32 -8.06
C ASP A 70 18.25 12.87 -6.94
N SER A 71 17.30 11.99 -7.26
CA SER A 71 16.28 11.59 -6.29
C SER A 71 16.73 10.45 -5.39
N ALA A 72 17.01 10.77 -4.14
CA ALA A 72 17.31 9.73 -3.15
C ALA A 72 16.10 8.83 -2.94
N TYR A 73 14.90 9.42 -2.97
CA TYR A 73 13.65 8.71 -2.85
C TYR A 73 13.58 7.56 -3.83
N LEU A 74 13.83 7.88 -5.09
CA LEU A 74 13.86 6.86 -6.10
C LEU A 74 15.00 5.89 -5.94
N VAL A 75 16.20 6.44 -5.90
CA VAL A 75 17.38 5.59 -5.99
C VAL A 75 17.51 4.67 -4.77
N ASN A 76 17.22 5.19 -3.59
CA ASN A 76 17.26 4.35 -2.39
C ASN A 76 16.24 3.21 -2.47
N ALA A 77 15.03 3.49 -2.97
CA ALA A 77 14.01 2.45 -3.02
C ALA A 77 14.47 1.32 -3.91
N MET A 78 15.17 1.66 -4.98
CA MET A 78 15.58 0.63 -5.92
C MET A 78 16.85 -0.08 -5.46
N ASN A 79 17.79 0.65 -4.88
CA ASN A 79 19.11 0.10 -4.56
C ASN A 79 19.25 -0.48 -3.16
N GLU A 80 18.34 -0.13 -2.27
CA GLU A 80 18.35 -0.67 -0.90
C GLU A 80 17.29 -1.80 -0.73
N GLY A 81 16.60 -2.16 -1.81
CA GLY A 81 15.67 -3.30 -1.79
C GLY A 81 14.30 -2.98 -1.22
N TRP A 82 14.02 -1.69 -0.99
CA TRP A 82 12.80 -1.29 -0.30
C TRP A 82 11.57 -1.56 -1.17
N LEU A 83 11.65 -1.20 -2.43
CA LEU A 83 10.52 -1.41 -3.31
C LEU A 83 10.11 -2.89 -3.30
N LYS A 84 11.10 -3.77 -3.37
CA LYS A 84 10.78 -5.21 -3.40
C LYS A 84 10.16 -5.69 -2.09
N ARG A 85 10.56 -5.11 -0.98
CA ARG A 85 9.96 -5.43 0.30
C ARG A 85 8.54 -4.85 0.42
N TRP A 86 8.32 -3.67 -0.14
CA TRP A 86 7.00 -3.03 -0.09
C TRP A 86 5.98 -3.91 -0.79
N VAL A 87 6.33 -4.39 -1.97
CA VAL A 87 5.45 -5.21 -2.75
C VAL A 87 5.12 -6.47 -1.97
N LYS A 88 6.16 -7.07 -1.40
CA LYS A 88 6.03 -8.30 -0.63
C LYS A 88 5.16 -8.11 0.61
N ASN A 89 5.20 -6.92 1.21
CA ASN A 89 4.38 -6.60 2.39
C ASN A 89 3.10 -5.81 2.07
N GLY A 90 2.57 -5.96 0.86
CA GLY A 90 1.29 -5.33 0.55
C GLY A 90 1.32 -3.81 0.58
N TRP A 91 2.44 -3.22 0.17
CA TRP A 91 2.57 -1.77 0.04
C TRP A 91 2.33 -1.03 1.36
N LYS A 92 2.83 -1.60 2.45
CA LYS A 92 2.73 -0.99 3.75
C LYS A 92 4.11 -1.04 4.39
N LYS A 97 1.39 3.92 7.35
CA LYS A 97 1.54 2.48 7.12
C LYS A 97 1.65 2.24 5.62
N PRO A 98 0.67 2.75 4.84
CA PRO A 98 0.76 2.57 3.40
C PRO A 98 1.87 3.40 2.83
N VAL A 99 2.60 2.82 1.92
CA VAL A 99 3.63 3.52 1.19
C VAL A 99 2.92 4.60 0.36
N GLU A 100 3.57 5.75 0.18
CA GLU A 100 2.99 6.80 -0.63
C GLU A 100 3.27 6.50 -2.10
N ASN A 101 2.41 7.00 -2.98
CA ASN A 101 2.67 6.96 -4.42
C ASN A 101 2.69 5.54 -5.00
N ILE A 102 1.83 4.68 -4.44
CA ILE A 102 1.77 3.26 -4.87
C ILE A 102 1.51 3.20 -6.36
N ASP A 103 0.66 4.08 -6.88
CA ASP A 103 0.37 4.11 -8.31
C ASP A 103 1.64 4.21 -9.15
N LEU A 104 2.54 5.08 -8.73
CA LEU A 104 3.79 5.29 -9.46
C LEU A 104 4.78 4.15 -9.24
N TRP A 105 4.88 3.68 -8.00
CA TRP A 105 5.74 2.50 -7.76
C TRP A 105 5.29 1.28 -8.58
N GLN A 106 4.00 1.09 -8.80
CA GLN A 106 3.52 -0.05 -9.60
CA GLN A 106 3.52 -0.05 -9.60
C GLN A 106 3.98 0.09 -11.03
N GLU A 107 4.01 1.31 -11.52
CA GLU A 107 4.48 1.56 -12.87
C GLU A 107 5.97 1.26 -12.98
N ILE A 108 6.73 1.67 -11.98
N ILE A 108 6.74 1.71 -12.00
CA ILE A 108 8.17 1.43 -11.95
CA ILE A 108 8.18 1.42 -11.94
C ILE A 108 8.48 -0.05 -11.87
C ILE A 108 8.40 -0.08 -11.96
N LEU A 109 7.67 -0.81 -11.12
CA LEU A 109 7.80 -2.28 -11.11
C LEU A 109 7.64 -2.89 -12.52
N LYS A 110 6.62 -2.45 -13.26
CA LYS A 110 6.39 -2.95 -14.59
C LYS A 110 7.55 -2.61 -15.54
N LEU A 111 8.01 -1.39 -15.45
CA LEU A 111 9.02 -0.89 -16.38
C LEU A 111 10.39 -1.50 -16.11
N THR A 112 10.65 -1.86 -14.85
CA THR A 112 11.93 -2.52 -14.48
C THR A 112 11.89 -4.03 -14.67
N THR A 113 10.75 -4.56 -15.12
CA THR A 113 10.65 -5.87 -15.72
C THR A 113 10.91 -5.80 -17.22
N LEU A 114 10.36 -4.82 -17.90
CA LEU A 114 10.61 -4.64 -19.33
C LEU A 114 12.06 -4.34 -19.61
N HIS A 115 12.66 -3.52 -18.76
CA HIS A 115 14.02 -3.04 -18.97
C HIS A 115 14.87 -3.45 -17.81
N ARG A 116 16.16 -3.68 -18.05
CA ARG A 116 17.09 -4.04 -16.97
C ARG A 116 17.82 -2.78 -16.57
N VAL A 117 17.38 -2.19 -15.47
CA VAL A 117 17.76 -0.83 -15.09
C VAL A 117 18.68 -0.79 -13.88
N THR A 118 19.75 0.00 -14.02
N THR A 118 19.77 -0.05 -14.03
CA THR A 118 20.69 0.29 -12.95
CA THR A 118 20.61 0.26 -12.90
C THR A 118 20.56 1.77 -12.60
C THR A 118 20.38 1.73 -12.61
N PHE A 119 20.25 2.05 -11.35
CA PHE A 119 19.96 3.41 -10.88
C PHE A 119 21.21 3.98 -10.20
N HIS A 120 21.48 5.24 -10.51
CA HIS A 120 22.61 5.96 -9.97
C HIS A 120 22.13 7.27 -9.41
N LYS A 121 22.57 7.56 -8.20
CA LYS A 121 22.31 8.86 -7.56
C LYS A 121 23.35 9.90 -8.00
N VAL A 122 22.86 11.07 -8.41
CA VAL A 122 23.76 12.17 -8.69
C VAL A 122 23.64 13.21 -7.60
N LYS A 123 24.68 14.02 -7.47
CA LYS A 123 24.80 14.95 -6.35
C LYS A 123 24.36 16.33 -6.79
N GLY A 124 23.05 16.56 -6.66
CA GLY A 124 22.40 17.74 -7.22
C GLY A 124 21.92 17.46 -8.63
N SER A 126 23.13 20.03 -10.91
CA SER A 126 24.51 20.51 -11.01
C SER A 126 25.50 19.48 -11.56
N ASP A 127 25.22 18.20 -11.34
CA ASP A 127 26.22 17.11 -11.31
C ASP A 127 26.90 16.88 -12.65
N ASN A 128 26.14 17.07 -13.71
CA ASN A 128 26.60 16.85 -15.08
C ASN A 128 25.62 17.56 -16.00
N PRO A 129 26.00 17.83 -17.25
CA PRO A 129 25.15 18.65 -18.14
C PRO A 129 23.87 17.97 -18.56
N TYR A 130 23.82 16.64 -18.46
CA TYR A 130 22.64 15.89 -18.90
C TYR A 130 21.53 15.91 -17.85
N ASN A 131 21.86 15.63 -16.60
CA ASN A 131 20.88 15.92 -15.54
C ASN A 131 20.52 17.37 -15.50
N SER A 132 21.49 18.27 -15.75
CA SER A 132 21.14 19.70 -15.74
C SER A 132 20.09 19.99 -16.81
N ARG A 133 20.25 19.38 -17.98
CA ARG A 133 19.28 19.60 -19.06
C ARG A 133 17.92 19.04 -18.69
N ALA A 134 17.89 17.85 -18.10
CA ALA A 134 16.66 17.24 -17.61
C ALA A 134 15.95 18.18 -16.60
N ASP A 135 16.72 18.75 -15.68
CA ASP A 135 16.20 19.72 -14.71
C ASP A 135 15.60 20.96 -15.42
N GLU A 136 16.33 21.50 -16.42
CA GLU A 136 15.90 22.65 -17.19
C GLU A 136 14.58 22.30 -17.88
N LEU A 137 14.47 21.11 -18.44
CA LEU A 137 13.28 20.70 -19.14
C LEU A 137 12.08 20.61 -18.17
N ALA A 138 12.33 20.15 -16.95
CA ALA A 138 11.25 20.05 -15.95
C ALA A 138 10.75 21.46 -15.58
N ARG A 139 11.70 22.37 -15.39
CA ARG A 139 11.36 23.74 -15.04
C ARG A 139 10.68 24.46 -16.19
N LEU A 140 11.12 24.14 -17.40
N LEU A 140 11.07 24.18 -17.43
CA LEU A 140 10.53 24.63 -18.64
CA LEU A 140 10.40 24.80 -18.56
C LEU A 140 9.04 24.30 -18.69
C LEU A 140 8.96 24.33 -18.65
N ALA A 141 8.70 23.06 -18.34
CA ALA A 141 7.30 22.60 -18.33
C ALA A 141 6.42 23.39 -17.34
N ILE A 142 6.96 23.67 -16.16
CA ILE A 142 6.25 24.48 -15.17
C ILE A 142 6.04 25.89 -15.72
N LYS A 143 7.07 26.46 -16.34
CA LYS A 143 6.99 27.85 -16.81
C LYS A 143 6.00 28.00 -17.93
N GLU A 144 6.02 27.04 -18.85
CA GLU A 144 5.04 27.00 -19.97
C GLU A 144 3.58 26.94 -19.44
N ASN A 145 3.40 26.49 -18.20
CA ASN A 145 2.07 26.42 -17.53
C ASN A 145 1.95 27.24 -16.24
N GLU B 2 -16.38 -4.94 32.77
N GLU B 2 -18.34 -3.86 34.99
CA GLU B 2 -17.69 -4.79 33.47
CA GLU B 2 -17.79 -4.32 33.68
C GLU B 2 -18.82 -4.71 32.43
C GLU B 2 -18.90 -4.41 32.60
N LYS B 3 -18.62 -3.91 31.39
CA LYS B 3 -19.63 -3.80 30.34
C LYS B 3 -19.76 -5.09 29.53
N THR B 4 -20.98 -5.42 29.08
CA THR B 4 -21.14 -6.37 27.97
C THR B 4 -21.41 -5.62 26.68
N ILE B 5 -20.56 -5.87 25.68
N ILE B 5 -20.51 -5.83 25.72
CA ILE B 5 -20.56 -5.13 24.44
CA ILE B 5 -20.50 -5.18 24.43
C ILE B 5 -20.65 -6.07 23.25
C ILE B 5 -20.84 -6.21 23.37
N THR B 6 -21.57 -5.74 22.35
CA THR B 6 -21.74 -6.53 21.14
C THR B 6 -21.00 -5.82 20.00
N ILE B 7 -20.24 -6.58 19.23
CA ILE B 7 -19.47 -6.03 18.13
C ILE B 7 -19.77 -6.82 16.88
N TYR B 8 -20.11 -6.09 15.82
CA TYR B 8 -20.33 -6.69 14.51
C TYR B 8 -19.23 -6.23 13.57
N THR B 9 -18.55 -7.19 12.95
CA THR B 9 -17.41 -6.88 12.15
C THR B 9 -17.55 -7.36 10.72
N ASP B 10 -16.90 -6.66 9.80
CA ASP B 10 -16.86 -7.07 8.41
C ASP B 10 -15.65 -6.56 7.70
N GLY B 11 -15.19 -7.37 6.74
CA GLY B 11 -14.07 -6.98 5.90
C GLY B 11 -14.35 -7.36 4.48
N ALA B 12 -13.81 -6.56 3.57
CA ALA B 12 -14.04 -6.70 2.13
C ALA B 12 -12.70 -6.46 1.41
N ALA B 13 -12.45 -7.19 0.32
CA ALA B 13 -11.34 -6.85 -0.58
C ALA B 13 -11.67 -7.23 -1.96
N SER B 14 -11.09 -6.48 -2.91
CA SER B 14 -11.53 -6.46 -4.29
C SER B 14 -10.79 -7.50 -5.07
N GLY B 15 -9.79 -8.10 -4.43
CA GLY B 15 -8.99 -9.11 -5.07
C GLY B 15 -8.15 -9.90 -4.09
N ASN B 16 -7.18 -10.60 -4.67
CA ASN B 16 -6.32 -11.53 -3.91
C ASN B 16 -4.85 -11.40 -4.38
N PRO B 17 -4.18 -10.28 -4.05
CA PRO B 17 -4.68 -9.17 -3.24
C PRO B 17 -5.34 -8.05 -4.04
N GLY B 18 -6.01 -7.16 -3.32
CA GLY B 18 -6.47 -5.90 -3.87
C GLY B 18 -6.81 -4.93 -2.75
N LYS B 19 -7.42 -3.81 -3.13
CA LYS B 19 -7.83 -2.79 -2.17
C LYS B 19 -8.90 -3.38 -1.27
N GLY B 20 -8.79 -3.08 0.01
CA GLY B 20 -9.72 -3.63 0.94
C GLY B 20 -10.11 -2.68 2.03
N GLY B 21 -11.14 -3.06 2.77
CA GLY B 21 -11.55 -2.29 3.90
C GLY B 21 -12.12 -3.16 4.98
N TRP B 22 -12.24 -2.54 6.14
CA TRP B 22 -12.83 -3.19 7.31
C TRP B 22 -13.75 -2.21 8.03
N GLY B 23 -14.73 -2.77 8.74
CA GLY B 23 -15.66 -2.00 9.52
C GLY B 23 -16.06 -2.73 10.79
N ALA B 24 -16.35 -1.98 11.82
CA ALA B 24 -16.91 -2.57 13.03
C ALA B 24 -17.91 -1.63 13.66
N LEU B 25 -18.98 -2.23 14.15
CA LEU B 25 -20.03 -1.54 14.87
C LEU B 25 -20.04 -2.11 16.28
N LEU B 26 -19.80 -1.25 17.27
CA LEU B 26 -19.84 -1.61 18.69
C LEU B 26 -21.12 -1.07 19.31
N MET B 27 -21.82 -1.91 20.06
CA MET B 27 -23.07 -1.54 20.66
C MET B 27 -23.10 -1.82 22.14
N TYR B 28 -23.53 -0.83 22.90
CA TYR B 28 -23.73 -1.02 24.32
C TYR B 28 -24.98 -0.26 24.71
N GLY B 29 -26.07 -0.97 25.01
CA GLY B 29 -27.33 -0.28 25.27
C GLY B 29 -27.74 0.46 24.01
N SER B 30 -28.20 1.70 24.16
CA SER B 30 -28.62 2.52 23.01
C SER B 30 -27.42 3.27 22.39
N SER B 31 -26.22 2.99 22.90
CA SER B 31 -25.00 3.67 22.54
C SER B 31 -24.33 2.85 21.46
N ARG B 32 -23.66 3.54 20.52
CA ARG B 32 -23.00 2.86 19.40
C ARG B 32 -21.70 3.58 19.05
N LYS B 33 -20.74 2.84 18.55
CA LYS B 33 -19.50 3.40 18.02
C LYS B 33 -19.20 2.69 16.73
N GLU B 34 -18.86 3.46 15.69
CA GLU B 34 -18.55 2.94 14.37
C GLU B 34 -17.09 3.26 14.06
N ILE B 35 -16.37 2.27 13.55
CA ILE B 35 -15.01 2.44 13.09
C ILE B 35 -14.84 1.76 11.75
N SER B 36 -13.86 2.19 10.98
CA SER B 36 -13.57 1.60 9.69
C SER B 36 -12.18 2.03 9.24
N GLY B 37 -11.65 1.30 8.27
CA GLY B 37 -10.38 1.66 7.68
C GLY B 37 -10.13 0.93 6.37
N TYR B 38 -9.03 1.31 5.75
CA TYR B 38 -8.69 0.94 4.38
C TYR B 38 -7.30 0.27 4.34
N ASP B 39 -7.07 -0.62 3.38
CA ASP B 39 -5.75 -1.25 3.19
C ASP B 39 -5.54 -1.34 1.66
N PRO B 40 -4.44 -0.77 1.14
CA PRO B 40 -4.32 -0.72 -0.33
C PRO B 40 -4.09 -2.07 -1.04
N ALA B 41 -3.64 -3.08 -0.29
CA ALA B 41 -3.33 -4.35 -0.91
C ALA B 41 -3.44 -5.43 0.15
N THR B 42 -4.52 -6.18 0.08
CA THR B 42 -4.88 -7.10 1.15
C THR B 42 -5.81 -8.18 0.60
N THR B 43 -6.27 -9.04 1.48
CA THR B 43 -7.14 -10.15 1.13
C THR B 43 -8.40 -10.05 2.00
N ASN B 44 -9.44 -10.74 1.57
CA ASN B 44 -10.66 -10.87 2.34
C ASN B 44 -10.40 -11.39 3.74
N ASN B 45 -9.64 -12.47 3.86
CA ASN B 45 -9.31 -13.03 5.19
C ASN B 45 -8.64 -12.00 6.08
N ARG B 46 -7.68 -11.24 5.56
CA ARG B 46 -6.98 -10.29 6.42
C ARG B 46 -7.88 -9.19 6.87
N MET B 47 -8.80 -8.76 6.00
CA MET B 47 -9.73 -7.68 6.39
C MET B 47 -10.75 -8.20 7.39
N GLU B 48 -11.16 -9.45 7.25
CA GLU B 48 -12.07 -10.05 8.22
C GLU B 48 -11.44 -10.09 9.61
N LEU B 49 -10.15 -10.44 9.70
CA LEU B 49 -9.42 -10.41 10.99
C LEU B 49 -9.21 -9.01 11.48
N MET B 50 -8.75 -8.14 10.59
CA MET B 50 -8.50 -6.77 10.99
C MET B 50 -9.75 -6.11 11.59
N ALA B 51 -10.93 -6.38 11.02
CA ALA B 51 -12.16 -5.78 11.56
C ALA B 51 -12.35 -6.16 13.04
N ALA B 52 -12.08 -7.42 13.36
CA ALA B 52 -12.21 -7.91 14.73
C ALA B 52 -11.13 -7.28 15.64
N ILE B 53 -9.89 -7.20 15.16
CA ILE B 53 -8.81 -6.58 15.93
C ILE B 53 -9.16 -5.12 16.25
N LYS B 54 -9.55 -4.37 15.24
CA LYS B 54 -9.82 -2.93 15.43
C LYS B 54 -11.06 -2.74 16.31
N GLY B 55 -12.07 -3.60 16.17
CA GLY B 55 -13.26 -3.50 17.00
C GLY B 55 -12.87 -3.71 18.45
N LEU B 56 -12.09 -4.74 18.71
CA LEU B 56 -11.63 -5.00 20.09
C LEU B 56 -10.70 -3.88 20.60
N GLU B 57 -9.85 -3.35 19.73
CA GLU B 57 -8.97 -2.24 20.10
C GLU B 57 -9.72 -0.98 20.48
N ALA B 58 -10.93 -0.82 19.97
CA ALA B 58 -11.77 0.35 20.23
C ALA B 58 -12.37 0.39 21.62
N LEU B 59 -12.27 -0.73 22.32
CA LEU B 59 -12.78 -0.81 23.69
C LEU B 59 -11.86 -0.07 24.65
N LYS B 60 -12.42 0.87 25.43
CA LYS B 60 -11.63 1.71 26.32
C LYS B 60 -11.18 0.98 27.58
N GLU B 61 -11.92 -0.04 27.97
CA GLU B 61 -11.58 -0.82 29.15
C GLU B 61 -11.93 -2.28 28.93
N PRO B 62 -11.36 -3.19 29.75
CA PRO B 62 -11.67 -4.61 29.64
C PRO B 62 -13.15 -4.86 29.72
N ALA B 63 -13.66 -5.71 28.83
CA ALA B 63 -15.08 -5.94 28.70
C ALA B 63 -15.38 -7.38 28.45
N ARG B 64 -16.65 -7.74 28.58
CA ARG B 64 -17.15 -9.00 28.04
C ARG B 64 -17.76 -8.70 26.69
N VAL B 65 -17.40 -9.48 25.68
CA VAL B 65 -17.77 -9.14 24.31
C VAL B 65 -18.40 -10.32 23.61
N GLN B 66 -19.47 -10.05 22.86
CA GLN B 66 -19.99 -11.01 21.89
C GLN B 66 -19.66 -10.41 20.53
N LEU B 67 -18.86 -11.12 19.75
CA LEU B 67 -18.43 -10.63 18.47
C LEU B 67 -19.03 -11.46 17.36
N TYR B 68 -19.75 -10.79 16.48
CA TYR B 68 -20.51 -11.41 15.37
C TYR B 68 -19.86 -11.10 14.05
N SER B 69 -19.46 -12.15 13.35
CA SER B 69 -18.75 -12.04 12.10
C SER B 69 -19.32 -13.06 11.11
N ASP B 70 -19.36 -12.72 9.84
CA ASP B 70 -19.68 -13.74 8.81
C ASP B 70 -18.47 -14.52 8.30
N SER B 71 -17.30 -14.29 8.90
CA SER B 71 -16.08 -14.95 8.48
C SER B 71 -15.91 -16.31 9.14
N ALA B 72 -16.05 -17.38 8.38
CA ALA B 72 -15.76 -18.71 8.88
C ALA B 72 -14.30 -18.85 9.29
N TYR B 73 -13.43 -18.19 8.54
CA TYR B 73 -12.00 -18.15 8.83
C TYR B 73 -11.73 -17.73 10.27
N LEU B 74 -12.26 -16.57 10.64
CA LEU B 74 -12.08 -16.08 11.97
C LEU B 74 -12.82 -16.98 12.98
N VAL B 75 -14.11 -17.22 12.78
CA VAL B 75 -14.91 -17.86 13.82
C VAL B 75 -14.47 -19.30 14.07
N ASN B 76 -14.13 -20.02 13.02
CA ASN B 76 -13.68 -21.41 13.17
C ASN B 76 -12.34 -21.46 13.89
N ALA B 77 -11.43 -20.57 13.56
CA ALA B 77 -10.15 -20.54 14.27
C ALA B 77 -10.36 -20.37 15.77
N MET B 78 -11.31 -19.51 16.13
CA MET B 78 -11.55 -19.25 17.53
C MET B 78 -12.34 -20.36 18.19
N ASN B 79 -13.37 -20.88 17.54
CA ASN B 79 -14.29 -21.82 18.20
C ASN B 79 -13.92 -23.30 18.05
N GLU B 80 -13.04 -23.60 17.11
CA GLU B 80 -12.61 -25.00 16.89
C GLU B 80 -11.23 -25.28 17.50
N GLY B 81 -10.68 -24.34 18.26
CA GLY B 81 -9.36 -24.54 18.91
C GLY B 81 -8.15 -24.44 18.00
N TRP B 82 -8.33 -23.95 16.77
CA TRP B 82 -7.22 -23.95 15.79
C TRP B 82 -6.18 -22.95 16.18
N LEU B 83 -6.60 -21.78 16.62
CA LEU B 83 -5.67 -20.78 17.04
C LEU B 83 -4.79 -21.30 18.22
N LYS B 84 -5.42 -21.93 19.20
CA LYS B 84 -4.68 -22.39 20.37
C LYS B 84 -3.64 -23.45 20.00
N ARG B 85 -3.99 -24.29 19.05
CA ARG B 85 -3.10 -25.28 18.50
C ARG B 85 -1.93 -24.69 17.72
N TRP B 86 -2.21 -23.65 16.95
CA TRP B 86 -1.21 -22.99 16.10
C TRP B 86 -0.12 -22.41 16.99
N VAL B 87 -0.55 -21.73 18.03
CA VAL B 87 0.35 -21.25 19.06
C VAL B 87 1.27 -22.36 19.54
N LYS B 88 0.69 -23.47 19.98
CA LYS B 88 1.47 -24.51 20.61
C LYS B 88 2.42 -25.22 19.61
N ASN B 89 2.06 -25.23 18.34
CA ASN B 89 2.88 -25.85 17.30
C ASN B 89 3.73 -24.83 16.51
N GLY B 90 4.05 -23.70 17.13
CA GLY B 90 4.93 -22.71 16.51
C GLY B 90 4.40 -22.11 15.24
N TRP B 91 3.09 -21.86 15.20
CA TRP B 91 2.44 -21.22 14.06
C TRP B 91 2.66 -21.95 12.75
N LYS B 92 2.70 -23.27 12.82
CA LYS B 92 2.86 -24.07 11.63
C LYS B 92 1.67 -24.99 11.56
N THR B 93 1.29 -25.37 10.34
CA THR B 93 -0.11 -25.47 9.98
C THR B 93 -0.26 -25.85 8.53
N ALA B 95 0.52 -29.84 8.36
CA ALA B 95 1.93 -30.19 8.16
C ALA B 95 2.81 -29.12 8.83
N LYS B 96 3.94 -28.77 8.22
CA LYS B 96 4.86 -27.77 8.78
C LYS B 96 4.86 -26.46 7.98
N LYS B 97 3.74 -26.17 7.31
CA LYS B 97 3.53 -24.91 6.61
C LYS B 97 3.23 -23.82 7.63
N PRO B 98 3.91 -22.66 7.55
CA PRO B 98 3.50 -21.54 8.40
C PRO B 98 2.07 -21.10 8.18
N VAL B 99 1.40 -20.84 9.29
CA VAL B 99 0.06 -20.26 9.34
C VAL B 99 0.10 -18.94 8.63
N GLU B 100 -0.95 -18.63 7.88
CA GLU B 100 -1.03 -17.34 7.24
C GLU B 100 -1.45 -16.29 8.30
N ASN B 101 -0.99 -15.05 8.11
CA ASN B 101 -1.47 -13.89 8.91
C ASN B 101 -1.11 -13.99 10.38
N ILE B 102 0.09 -14.50 10.68
CA ILE B 102 0.52 -14.67 12.07
C ILE B 102 0.48 -13.36 12.83
N ASP B 103 0.93 -12.28 12.17
CA ASP B 103 0.88 -10.95 12.75
C ASP B 103 -0.49 -10.62 13.32
N LEU B 104 -1.54 -10.94 12.56
CA LEU B 104 -2.90 -10.62 12.99
C LEU B 104 -3.41 -11.56 14.09
N TRP B 105 -3.15 -12.85 13.94
CA TRP B 105 -3.49 -13.79 15.02
C TRP B 105 -2.82 -13.45 16.33
N GLN B 106 -1.58 -12.95 16.30
CA GLN B 106 -0.89 -12.58 17.55
C GLN B 106 -1.62 -11.41 18.23
N GLU B 107 -2.16 -10.51 17.41
CA GLU B 107 -2.93 -9.39 17.94
C GLU B 107 -4.22 -9.88 18.55
N ILE B 108 -4.86 -10.83 17.88
CA ILE B 108 -6.11 -11.40 18.40
C ILE B 108 -5.87 -12.09 19.74
N LEU B 109 -4.74 -12.81 19.86
CA LEU B 109 -4.38 -13.48 21.12
C LEU B 109 -4.28 -12.49 22.27
N LYS B 110 -3.63 -11.37 22.03
CA LYS B 110 -3.51 -10.34 23.06
C LYS B 110 -4.88 -9.76 23.45
N LEU B 111 -5.68 -9.46 22.45
CA LEU B 111 -6.97 -8.82 22.68
C LEU B 111 -7.98 -9.72 23.36
N THR B 112 -7.89 -11.01 23.09
CA THR B 112 -8.77 -11.96 23.74
C THR B 112 -8.24 -12.41 25.16
N THR B 113 -7.10 -11.87 25.58
CA THR B 113 -6.68 -11.89 26.98
C THR B 113 -7.20 -10.64 27.69
N LEU B 114 -7.22 -9.52 26.99
CA LEU B 114 -7.74 -8.27 27.62
C LEU B 114 -9.23 -8.34 27.83
N HIS B 115 -9.93 -8.96 26.87
CA HIS B 115 -11.38 -9.00 26.89
C HIS B 115 -11.79 -10.43 26.94
N ARG B 116 -12.97 -10.67 27.49
CA ARG B 116 -13.57 -12.02 27.49
C ARG B 116 -14.51 -12.09 26.30
N VAL B 117 -14.06 -12.72 25.22
CA VAL B 117 -14.75 -12.63 23.92
C VAL B 117 -15.28 -13.99 23.51
N THR B 118 -16.54 -13.98 23.05
CA THR B 118 -17.13 -15.13 22.39
C THR B 118 -17.40 -14.71 20.94
N PHE B 119 -17.15 -15.63 20.03
CA PHE B 119 -17.27 -15.38 18.60
C PHE B 119 -18.47 -16.15 18.05
N HIS B 120 -19.19 -15.48 17.15
CA HIS B 120 -20.49 -15.98 16.69
C HIS B 120 -20.55 -15.81 15.18
N LYS B 121 -20.85 -16.89 14.47
CA LYS B 121 -21.00 -16.84 13.04
C LYS B 121 -22.36 -16.30 12.64
N VAL B 122 -22.34 -15.35 11.71
CA VAL B 122 -23.57 -14.86 11.07
C VAL B 122 -23.57 -15.22 9.58
N LYS B 123 -24.75 -15.32 8.99
CA LYS B 123 -24.84 -15.72 7.58
C LYS B 123 -24.75 -14.55 6.62
N GLY B 124 -23.53 -14.13 6.33
CA GLY B 124 -23.23 -12.98 5.46
C GLY B 124 -23.50 -13.22 3.97
N SER B 126 -27.73 -11.04 2.78
CA SER B 126 -27.45 -10.96 4.19
C SER B 126 -28.01 -9.67 4.80
N ASP B 127 -29.09 -9.79 5.57
CA ASP B 127 -29.87 -8.62 5.90
C ASP B 127 -29.89 -8.18 7.37
N ASN B 128 -29.09 -8.77 8.27
CA ASN B 128 -29.12 -8.28 9.65
C ASN B 128 -28.57 -6.89 9.69
N PRO B 129 -29.21 -6.01 10.46
CA PRO B 129 -28.91 -4.59 10.29
C PRO B 129 -27.53 -4.21 10.75
N TYR B 130 -26.97 -5.00 11.66
CA TYR B 130 -25.71 -4.62 12.27
C TYR B 130 -24.54 -5.07 11.45
N ASN B 131 -24.54 -6.31 10.97
CA ASN B 131 -23.53 -6.68 10.01
C ASN B 131 -23.66 -5.95 8.70
N SER B 132 -24.88 -5.59 8.32
CA SER B 132 -25.05 -4.81 7.11
C SER B 132 -24.34 -3.48 7.27
N ARG B 133 -24.48 -2.86 8.43
CA ARG B 133 -23.78 -1.60 8.66
C ARG B 133 -22.27 -1.76 8.64
N ALA B 134 -21.76 -2.78 9.31
CA ALA B 134 -20.32 -3.02 9.35
C ALA B 134 -19.80 -3.21 7.92
N ASP B 135 -20.57 -3.94 7.11
CA ASP B 135 -20.22 -4.14 5.73
C ASP B 135 -20.19 -2.85 4.91
N GLU B 136 -21.22 -2.00 5.10
CA GLU B 136 -21.27 -0.70 4.48
C GLU B 136 -20.07 0.17 4.87
N LEU B 137 -19.69 0.14 6.14
CA LEU B 137 -18.54 0.92 6.60
C LEU B 137 -17.25 0.47 5.93
N ALA B 138 -17.09 -0.83 5.78
CA ALA B 138 -15.88 -1.36 5.13
C ALA B 138 -15.83 -0.90 3.66
N ARG B 139 -16.97 -0.95 2.99
CA ARG B 139 -17.05 -0.56 1.58
C ARG B 139 -16.90 0.95 1.42
N LEU B 140 -17.43 1.74 2.36
CA LEU B 140 -17.24 3.19 2.35
C LEU B 140 -15.75 3.48 2.43
N ALA B 141 -15.02 2.76 3.29
CA ALA B 141 -13.57 2.99 3.39
C ALA B 141 -12.83 2.75 2.08
N ILE B 142 -13.21 1.72 1.36
CA ILE B 142 -12.66 1.45 0.03
C ILE B 142 -13.01 2.57 -0.92
N LYS B 143 -14.25 3.02 -0.90
CA LYS B 143 -14.71 4.02 -1.84
C LYS B 143 -13.95 5.35 -1.62
N GLU B 144 -13.76 5.72 -0.36
CA GLU B 144 -13.09 6.99 -0.05
C GLU B 144 -11.62 6.92 -0.41
N ASN B 145 -11.11 5.69 -0.34
CA ASN B 145 -9.69 5.31 -0.57
C ASN B 145 -8.77 5.69 0.58
#